data_7RBR
#
_entry.id   7RBR
#
_cell.length_a   148.046
_cell.length_b   50.136
_cell.length_c   71.927
_cell.angle_alpha   90.000
_cell.angle_beta   111.840
_cell.angle_gamma   90.000
#
_symmetry.space_group_name_H-M   'C 1 2 1'
#
loop_
_entity.id
_entity.type
_entity.pdbx_description
1 polymer 'Papain-like protease'
2 polymer Ubiquitin
3 non-polymer 'ZINC ION'
4 non-polymer 'CHLORIDE ION'
5 non-polymer 1,2-ETHANEDIOL
6 water water
#
loop_
_entity_poly.entity_id
_entity_poly.type
_entity_poly.pdbx_seq_one_letter_code
_entity_poly.pdbx_strand_id
1 'polypeptide(L)'
;SNAEVRTIKVFTTVDNINLHTQVVDMSMTYGQQFGPTYLDGADVTKIKPHNSHEGKTFYVLPNDDTLRVEAFEYYHTTDP
SFLGRYMSALNHTKKWKYPQVNGLTSIKWADNNSYLATALLTLQQIELKFNPPALQDAYYRARAGEAANFCALILAYCNK
TVGELGDVRETMSYLFQHANLDSCKRVLNVVCKTCGQQQTTLKGVEAVMYMGTLSYEQFKKGVQIPCTCGKQATKYLVQQ
ESPFVMMSAPPAQYELKHGTFTCASEYTGNYQCGHYKHITSKETLYCIDGALLTKSSEYKGPITDVFYKENSYTTTIK
;
A
2 'polypeptide(L)' MQIFVKTLTGKTITLEVEPSDTIENVKAKIQDKEGIPPDQQRLIFAGKQLEDGRTLSDYNIQKESTLHLVLRLRGGD B
#
loop_
_chem_comp.id
_chem_comp.type
_chem_comp.name
_chem_comp.formula
CL non-polymer 'CHLORIDE ION' 'Cl -1'
EDO non-polymer 1,2-ETHANEDIOL 'C2 H6 O2'
ZN non-polymer 'ZINC ION' 'Zn 2'
#
# COMPACT_ATOMS: atom_id res chain seq x y z
N ARG A 6 -35.21 26.55 -21.20
CA ARG A 6 -35.52 25.26 -20.48
C ARG A 6 -34.36 24.89 -19.54
N THR A 7 -34.65 24.53 -18.29
CA THR A 7 -33.63 24.17 -17.26
C THR A 7 -34.19 23.09 -16.32
N ILE A 8 -33.33 22.25 -15.76
CA ILE A 8 -33.65 21.30 -14.65
C ILE A 8 -32.82 21.70 -13.43
N LYS A 9 -33.21 21.22 -12.26
CA LYS A 9 -32.35 21.31 -11.06
C LYS A 9 -31.59 19.99 -10.93
N VAL A 10 -30.32 20.07 -10.53
CA VAL A 10 -29.47 18.90 -10.18
C VAL A 10 -28.64 19.31 -8.96
N PHE A 11 -27.95 18.36 -8.35
CA PHE A 11 -26.96 18.60 -7.26
C PHE A 11 -25.57 18.30 -7.80
N THR A 12 -24.63 19.21 -7.56
CA THR A 12 -23.19 18.92 -7.79
C THR A 12 -22.55 18.60 -6.42
N THR A 13 -21.46 17.82 -6.42
CA THR A 13 -20.76 17.39 -5.20
C THR A 13 -19.32 17.02 -5.59
N VAL A 14 -18.41 17.08 -4.61
CA VAL A 14 -17.04 16.50 -4.67
C VAL A 14 -16.98 15.27 -3.77
N ASP A 15 -17.93 15.06 -2.86
CA ASP A 15 -17.74 14.10 -1.74
C ASP A 15 -18.98 13.22 -1.59
N ASN A 16 -20.02 13.51 -2.38
CA ASN A 16 -21.35 12.85 -2.24
C ASN A 16 -21.91 13.02 -0.82
N ILE A 17 -21.41 13.95 0.00
CA ILE A 17 -22.07 14.24 1.31
C ILE A 17 -22.64 15.68 1.31
N ASN A 18 -21.91 16.65 0.77
CA ASN A 18 -22.35 18.06 0.71
C ASN A 18 -22.84 18.28 -0.72
N LEU A 19 -24.14 18.46 -0.90
CA LEU A 19 -24.78 18.59 -2.25
C LEU A 19 -25.08 20.06 -2.49
N HIS A 20 -24.84 20.54 -3.73
CA HIS A 20 -25.00 21.96 -4.09
C HIS A 20 -26.03 22.04 -5.22
N THR A 21 -27.19 22.64 -4.93
CA THR A 21 -28.30 22.74 -5.90
C THR A 21 -27.83 23.60 -7.06
N GLN A 22 -28.07 23.14 -8.28
CA GLN A 22 -27.69 23.88 -9.51
C GLN A 22 -28.89 23.89 -10.47
N VAL A 23 -29.03 24.98 -11.20
CA VAL A 23 -30.05 25.08 -12.30
C VAL A 23 -29.25 25.03 -13.59
N VAL A 24 -29.44 23.97 -14.39
CA VAL A 24 -28.61 23.67 -15.58
C VAL A 24 -29.41 24.02 -16.85
N ASP A 25 -28.82 24.87 -17.69
CA ASP A 25 -29.31 25.25 -19.04
C ASP A 25 -29.30 24.01 -19.95
N MET A 26 -30.47 23.54 -20.38
CA MET A 26 -30.58 22.24 -21.11
C MET A 26 -30.03 22.34 -22.54
N SER A 27 -29.65 23.53 -23.03
CA SER A 27 -29.05 23.68 -24.38
C SER A 27 -27.51 23.69 -24.33
N MET A 28 -26.90 23.48 -23.16
CA MET A 28 -25.41 23.43 -22.98
C MET A 28 -25.00 22.11 -22.31
N THR A 29 -23.80 21.61 -22.62
CA THR A 29 -23.27 20.36 -22.00
C THR A 29 -22.92 20.66 -20.53
N TYR A 30 -23.01 19.65 -19.67
CA TYR A 30 -22.54 19.72 -18.26
C TYR A 30 -21.15 20.39 -18.25
N GLY A 31 -20.29 20.05 -19.21
CA GLY A 31 -18.88 20.50 -19.32
C GLY A 31 -18.76 22.01 -19.37
N GLN A 32 -19.58 22.65 -20.21
CA GLN A 32 -19.58 24.13 -20.42
C GLN A 32 -20.09 24.82 -19.16
N GLN A 33 -20.94 24.13 -18.37
CA GLN A 33 -21.63 24.71 -17.19
C GLN A 33 -20.86 24.42 -15.90
N PHE A 34 -20.31 23.21 -15.71
CA PHE A 34 -19.68 22.80 -14.42
C PHE A 34 -18.20 22.46 -14.57
N GLY A 35 -17.70 22.26 -15.79
CA GLY A 35 -16.41 21.58 -16.00
C GLY A 35 -16.60 20.07 -15.98
N PRO A 36 -15.52 19.29 -15.79
CA PRO A 36 -15.61 17.83 -15.81
C PRO A 36 -16.69 17.33 -14.82
N THR A 37 -17.62 16.50 -15.28
CA THR A 37 -18.84 16.08 -14.53
C THR A 37 -19.07 14.58 -14.69
N TYR A 38 -19.45 13.89 -13.61
CA TYR A 38 -19.66 12.43 -13.60
C TYR A 38 -21.02 12.10 -12.96
N LEU A 39 -21.69 11.06 -13.48
CA LEU A 39 -23.01 10.55 -13.01
C LEU A 39 -22.83 9.06 -12.73
N ASP A 40 -22.85 8.67 -11.45
CA ASP A 40 -22.67 7.26 -11.01
C ASP A 40 -21.42 6.70 -11.73
N GLY A 41 -20.29 7.42 -11.69
CA GLY A 41 -19.03 7.03 -12.37
C GLY A 41 -18.95 7.42 -13.85
N ALA A 42 -20.06 7.56 -14.56
CA ALA A 42 -19.99 7.82 -16.03
C ALA A 42 -19.62 9.29 -16.25
N ASP A 43 -18.59 9.55 -17.08
CA ASP A 43 -18.21 10.93 -17.54
C ASP A 43 -19.28 11.51 -18.47
N VAL A 44 -19.96 12.60 -18.07
CA VAL A 44 -21.03 13.27 -18.88
C VAL A 44 -20.61 14.70 -19.25
N THR A 45 -19.31 15.01 -19.24
CA THR A 45 -18.74 16.35 -19.54
C THR A 45 -19.21 16.86 -20.92
N LYS A 46 -19.20 16.00 -21.93
CA LYS A 46 -19.56 16.37 -23.34
C LYS A 46 -21.05 16.09 -23.61
N ILE A 47 -21.84 15.77 -22.58
CA ILE A 47 -23.25 15.29 -22.71
C ILE A 47 -24.17 16.45 -22.34
N LYS A 48 -25.32 16.58 -23.01
CA LYS A 48 -26.34 17.61 -22.69
C LYS A 48 -27.32 17.08 -21.65
N PRO A 49 -27.83 17.95 -20.75
CA PRO A 49 -28.78 17.50 -19.74
C PRO A 49 -29.99 16.77 -20.34
N HIS A 50 -30.41 15.70 -19.67
CA HIS A 50 -31.61 14.87 -19.97
C HIS A 50 -32.65 15.02 -18.86
N ASN A 51 -33.94 15.02 -19.24
CA ASN A 51 -35.14 15.01 -18.36
C ASN A 51 -34.91 14.22 -17.07
N SER A 52 -34.64 12.92 -17.18
CA SER A 52 -34.50 11.98 -16.04
C SER A 52 -33.25 12.27 -15.19
N HIS A 53 -32.47 13.31 -15.53
CA HIS A 53 -31.32 13.81 -14.73
C HIS A 53 -31.82 14.69 -13.58
N GLU A 54 -33.01 15.28 -13.75
CA GLU A 54 -33.75 16.04 -12.71
C GLU A 54 -33.57 15.36 -11.35
N GLY A 55 -33.07 16.09 -10.35
CA GLY A 55 -32.93 15.60 -8.96
C GLY A 55 -31.71 14.73 -8.72
N LYS A 56 -30.95 14.36 -9.76
CA LYS A 56 -29.81 13.42 -9.63
C LYS A 56 -28.55 14.15 -9.17
N THR A 57 -27.64 13.43 -8.53
CA THR A 57 -26.33 13.95 -8.03
C THR A 57 -25.21 13.66 -9.03
N PHE A 58 -24.42 14.68 -9.30
CA PHE A 58 -23.29 14.67 -10.25
C PHE A 58 -22.03 15.03 -9.49
N TYR A 59 -20.95 14.28 -9.66
CA TYR A 59 -19.62 14.70 -9.17
C TYR A 59 -19.02 15.72 -10.13
N VAL A 60 -18.35 16.75 -9.60
CA VAL A 60 -17.66 17.77 -10.41
C VAL A 60 -16.25 17.94 -9.87
N LEU A 61 -15.34 18.26 -10.76
CA LEU A 61 -13.98 18.67 -10.38
C LEU A 61 -14.14 19.98 -9.61
N PRO A 62 -13.46 20.18 -8.47
CA PRO A 62 -13.54 21.46 -7.78
C PRO A 62 -13.12 22.63 -8.70
N ASN A 63 -13.98 23.64 -8.87
CA ASN A 63 -13.71 24.85 -9.69
C ASN A 63 -13.99 26.13 -8.88
N ASP A 64 -13.91 26.07 -7.55
CA ASP A 64 -14.11 27.23 -6.65
C ASP A 64 -13.66 26.86 -5.23
N ASP A 65 -13.56 27.84 -4.34
CA ASP A 65 -12.86 27.63 -3.04
C ASP A 65 -13.70 26.70 -2.15
N THR A 66 -15.03 26.71 -2.28
CA THR A 66 -15.94 25.85 -1.50
C THR A 66 -15.65 24.37 -1.82
N LEU A 67 -15.68 24.01 -3.12
CA LEU A 67 -15.49 22.62 -3.62
C LEU A 67 -14.06 22.16 -3.32
N ARG A 68 -13.06 23.05 -3.45
CA ARG A 68 -11.63 22.80 -3.13
C ARG A 68 -11.50 22.40 -1.66
N VAL A 69 -12.08 23.18 -0.75
CA VAL A 69 -11.99 22.90 0.72
C VAL A 69 -12.68 21.56 1.00
N GLU A 70 -13.89 21.36 0.45
CA GLU A 70 -14.68 20.13 0.71
C GLU A 70 -13.89 18.91 0.20
N ALA A 71 -13.29 19.02 -0.98
CA ALA A 71 -12.53 17.94 -1.66
C ALA A 71 -11.32 17.57 -0.77
N PHE A 72 -10.56 18.58 -0.32
CA PHE A 72 -9.37 18.35 0.54
C PHE A 72 -9.84 17.71 1.84
N GLU A 73 -10.90 18.23 2.47
CA GLU A 73 -11.39 17.69 3.77
C GLU A 73 -11.84 16.24 3.62
N TYR A 74 -12.47 15.86 2.51
CA TYR A 74 -12.96 14.48 2.32
C TYR A 74 -11.83 13.50 1.91
N TYR A 75 -10.94 13.86 0.97
CA TYR A 75 -9.97 12.93 0.33
C TYR A 75 -8.54 13.07 0.88
N HIS A 76 -8.21 14.21 1.46
CA HIS A 76 -6.84 14.58 1.93
C HIS A 76 -5.83 14.56 0.79
N THR A 77 -6.18 14.98 -0.42
CA THR A 77 -5.23 15.11 -1.56
C THR A 77 -5.60 16.34 -2.36
N THR A 78 -4.62 16.98 -3.02
CA THR A 78 -4.80 18.14 -3.94
C THR A 78 -4.66 17.68 -5.40
N ASP A 79 -4.43 16.40 -5.65
CA ASP A 79 -4.22 15.91 -7.03
C ASP A 79 -5.47 16.19 -7.86
N PRO A 80 -5.44 17.08 -8.91
CA PRO A 80 -6.65 17.42 -9.66
C PRO A 80 -7.09 16.25 -10.57
N SER A 81 -6.22 15.26 -10.74
CA SER A 81 -6.51 14.03 -11.53
C SER A 81 -7.23 12.98 -10.65
N PHE A 82 -7.33 13.20 -9.36
CA PHE A 82 -7.81 12.16 -8.40
C PHE A 82 -9.26 11.76 -8.71
N LEU A 83 -10.15 12.72 -8.85
CA LEU A 83 -11.58 12.45 -9.09
C LEU A 83 -11.79 11.62 -10.37
N GLY A 84 -11.18 12.02 -11.49
CA GLY A 84 -11.28 11.28 -12.78
C GLY A 84 -10.73 9.88 -12.63
N ARG A 85 -9.62 9.72 -11.95
CA ARG A 85 -9.01 8.38 -11.73
C ARG A 85 -9.95 7.55 -10.84
N TYR A 86 -10.52 8.15 -9.82
CA TYR A 86 -11.45 7.47 -8.88
C TYR A 86 -12.73 7.07 -9.65
N MET A 87 -13.25 8.00 -10.46
CA MET A 87 -14.50 7.76 -11.25
C MET A 87 -14.23 6.67 -12.31
N SER A 88 -13.06 6.65 -12.97
CA SER A 88 -12.72 5.64 -14.01
CA SER A 88 -12.77 5.63 -14.01
C SER A 88 -12.67 4.25 -13.37
N ALA A 89 -12.10 4.17 -12.18
CA ALA A 89 -11.93 2.86 -11.52
C ALA A 89 -13.33 2.40 -11.09
N LEU A 90 -14.16 3.33 -10.58
CA LEU A 90 -15.50 3.01 -10.03
C LEU A 90 -16.38 2.32 -11.09
N ASN A 91 -16.33 2.75 -12.35
CA ASN A 91 -17.14 2.10 -13.43
C ASN A 91 -16.86 0.60 -13.51
N HIS A 92 -15.60 0.17 -13.28
CA HIS A 92 -15.20 -1.25 -13.26
C HIS A 92 -15.55 -1.88 -11.91
N THR A 93 -15.26 -1.22 -10.78
CA THR A 93 -15.32 -1.91 -9.46
C THR A 93 -16.79 -2.16 -9.11
N LYS A 94 -17.72 -1.32 -9.58
CA LYS A 94 -19.19 -1.54 -9.42
C LYS A 94 -19.60 -2.84 -10.12
N LYS A 95 -18.83 -3.34 -11.07
CA LYS A 95 -19.17 -4.59 -11.78
C LYS A 95 -18.54 -5.82 -11.12
N TRP A 96 -17.64 -5.65 -10.14
CA TRP A 96 -17.00 -6.80 -9.43
C TRP A 96 -18.02 -7.37 -8.44
N LYS A 97 -17.75 -8.57 -7.93
CA LYS A 97 -18.59 -9.30 -6.95
C LYS A 97 -17.79 -9.42 -5.66
N TYR A 98 -18.44 -9.13 -4.54
CA TYR A 98 -17.80 -8.99 -3.23
C TYR A 98 -18.36 -10.06 -2.30
N PRO A 99 -18.04 -11.35 -2.49
CA PRO A 99 -18.59 -12.40 -1.65
C PRO A 99 -18.02 -12.28 -0.23
N GLN A 100 -18.82 -12.66 0.76
CA GLN A 100 -18.44 -12.82 2.19
C GLN A 100 -17.85 -14.21 2.29
N VAL A 101 -16.61 -14.32 2.76
CA VAL A 101 -15.87 -15.59 2.96
C VAL A 101 -15.56 -15.70 4.46
N ASN A 102 -16.34 -16.51 5.16
CA ASN A 102 -16.36 -16.65 6.64
C ASN A 102 -16.24 -15.27 7.30
N GLY A 103 -17.16 -14.37 6.95
CA GLY A 103 -17.34 -13.08 7.65
C GLY A 103 -16.42 -11.97 7.14
N LEU A 104 -15.57 -12.23 6.15
CA LEU A 104 -14.68 -11.17 5.58
C LEU A 104 -15.17 -10.87 4.18
N THR A 105 -15.13 -9.61 3.75
CA THR A 105 -15.44 -9.28 2.33
C THR A 105 -14.22 -9.57 1.45
N SER A 106 -14.40 -10.41 0.44
CA SER A 106 -13.37 -10.70 -0.57
C SER A 106 -13.81 -10.06 -1.90
N ILE A 107 -13.10 -10.37 -2.98
CA ILE A 107 -13.51 -10.01 -4.37
C ILE A 107 -13.36 -11.27 -5.23
N LYS A 108 -14.37 -11.58 -6.03
CA LYS A 108 -14.21 -12.58 -7.12
C LYS A 108 -13.16 -12.08 -8.11
N TRP A 109 -12.36 -13.00 -8.65
CA TRP A 109 -11.29 -12.62 -9.60
CA TRP A 109 -11.30 -12.76 -9.66
C TRP A 109 -11.89 -11.97 -10.85
N ALA A 110 -11.28 -10.86 -11.24
CA ALA A 110 -11.64 -10.03 -12.41
C ALA A 110 -10.56 -8.96 -12.54
N ASP A 111 -10.11 -8.64 -13.76
CA ASP A 111 -9.29 -7.43 -14.02
C ASP A 111 -7.99 -7.45 -13.19
N ASN A 112 -7.35 -8.60 -12.98
CA ASN A 112 -6.04 -8.67 -12.26
C ASN A 112 -6.15 -8.09 -10.83
N ASN A 113 -7.25 -8.35 -10.12
CA ASN A 113 -7.58 -7.70 -8.84
C ASN A 113 -7.08 -8.52 -7.65
N SER A 114 -6.26 -9.56 -7.83
CA SER A 114 -5.91 -10.46 -6.68
C SER A 114 -5.14 -9.68 -5.59
N TYR A 115 -4.25 -8.75 -5.97
CA TYR A 115 -3.45 -7.95 -5.00
C TYR A 115 -4.43 -7.07 -4.19
N LEU A 116 -5.45 -6.55 -4.85
CA LEU A 116 -6.49 -5.68 -4.25
C LEU A 116 -7.34 -6.49 -3.27
N ALA A 117 -7.75 -7.70 -3.65
CA ALA A 117 -8.59 -8.54 -2.77
C ALA A 117 -7.75 -8.89 -1.54
N THR A 118 -6.45 -9.14 -1.72
CA THR A 118 -5.55 -9.56 -0.62
C THR A 118 -5.45 -8.37 0.35
N ALA A 119 -5.18 -7.19 -0.14
CA ALA A 119 -5.14 -5.95 0.67
C ALA A 119 -6.48 -5.75 1.40
N LEU A 120 -7.62 -5.82 0.69
CA LEU A 120 -8.96 -5.64 1.31
C LEU A 120 -9.12 -6.63 2.48
N LEU A 121 -8.72 -7.90 2.32
CA LEU A 121 -8.94 -8.92 3.38
C LEU A 121 -8.07 -8.54 4.55
N THR A 122 -6.86 -8.05 4.23
CA THR A 122 -5.88 -7.73 5.27
C THR A 122 -6.43 -6.58 6.12
N LEU A 123 -6.91 -5.53 5.48
CA LEU A 123 -7.41 -4.29 6.13
C LEU A 123 -8.54 -4.64 7.12
N GLN A 124 -9.26 -5.74 6.89
CA GLN A 124 -10.40 -6.14 7.77
C GLN A 124 -9.89 -6.87 9.00
N GLN A 125 -8.58 -7.09 9.12
CA GLN A 125 -8.00 -7.94 10.19
C GLN A 125 -6.93 -7.21 11.00
N ILE A 126 -6.48 -6.05 10.55
CA ILE A 126 -5.53 -5.23 11.34
C ILE A 126 -6.28 -3.99 11.86
N GLU A 127 -5.89 -3.49 13.03
CA GLU A 127 -6.50 -2.28 13.63
C GLU A 127 -5.82 -1.07 12.99
N LEU A 128 -6.59 -0.30 12.25
CA LEU A 128 -6.13 0.81 11.39
C LEU A 128 -7.23 1.88 11.48
N LYS A 129 -6.89 3.13 11.70
CA LYS A 129 -7.83 4.27 11.62
C LYS A 129 -7.45 5.09 10.38
N PHE A 130 -8.29 5.14 9.37
CA PHE A 130 -8.06 6.04 8.20
C PHE A 130 -8.34 7.50 8.59
N ASN A 131 -7.51 8.41 8.12
CA ASN A 131 -7.63 9.88 8.34
C ASN A 131 -8.64 10.44 7.35
N PRO A 132 -8.52 10.17 6.04
CA PRO A 132 -9.50 10.78 5.11
C PRO A 132 -10.89 10.20 5.34
N PRO A 133 -11.88 11.09 5.59
CA PRO A 133 -13.26 10.60 5.69
C PRO A 133 -13.68 9.70 4.51
N ALA A 134 -13.20 9.94 3.29
CA ALA A 134 -13.57 9.09 2.13
C ALA A 134 -13.22 7.60 2.41
N LEU A 135 -12.04 7.36 2.94
CA LEU A 135 -11.56 5.98 3.19
C LEU A 135 -12.31 5.40 4.39
N GLN A 136 -12.58 6.20 5.43
CA GLN A 136 -13.34 5.76 6.62
C GLN A 136 -14.73 5.32 6.18
N ASP A 137 -15.46 6.15 5.44
CA ASP A 137 -16.85 5.85 4.97
C ASP A 137 -16.84 4.62 4.04
N ALA A 138 -15.95 4.59 3.04
CA ALA A 138 -15.94 3.50 2.03
C ALA A 138 -15.53 2.19 2.73
N TYR A 139 -14.70 2.26 3.76
CA TYR A 139 -14.26 1.05 4.50
C TYR A 139 -15.48 0.41 5.15
N TYR A 140 -16.26 1.18 5.89
CA TYR A 140 -17.45 0.64 6.59
C TYR A 140 -18.41 0.02 5.57
N ARG A 141 -18.62 0.63 4.41
CA ARG A 141 -19.49 0.01 3.37
C ARG A 141 -18.85 -1.31 2.91
N ALA A 142 -17.54 -1.31 2.60
CA ALA A 142 -16.77 -2.50 2.16
C ALA A 142 -16.95 -3.66 3.16
N ARG A 143 -16.82 -3.38 4.44
CA ARG A 143 -16.95 -4.41 5.52
C ARG A 143 -18.36 -5.03 5.51
N ALA A 144 -19.37 -4.29 5.05
CA ALA A 144 -20.78 -4.74 4.95
C ALA A 144 -21.03 -5.43 3.60
N GLY A 145 -20.03 -5.52 2.72
CA GLY A 145 -20.19 -6.22 1.43
C GLY A 145 -20.25 -5.29 0.23
N GLU A 146 -20.36 -3.96 0.41
CA GLU A 146 -20.47 -2.99 -0.73
C GLU A 146 -19.12 -2.26 -0.90
N ALA A 147 -18.15 -2.96 -1.50
CA ALA A 147 -16.71 -2.57 -1.48
C ALA A 147 -16.32 -1.79 -2.74
N ALA A 148 -17.25 -1.52 -3.66
CA ALA A 148 -16.88 -0.94 -4.97
C ALA A 148 -16.22 0.42 -4.74
N ASN A 149 -16.73 1.26 -3.84
CA ASN A 149 -16.15 2.62 -3.68
C ASN A 149 -14.79 2.51 -3.01
N PHE A 150 -14.67 1.60 -2.06
CA PHE A 150 -13.41 1.43 -1.33
C PHE A 150 -12.32 0.97 -2.31
N CYS A 151 -12.63 0.01 -3.18
CA CYS A 151 -11.67 -0.55 -4.17
C CYS A 151 -11.24 0.56 -5.14
N ALA A 152 -12.18 1.37 -5.60
CA ALA A 152 -11.88 2.44 -6.57
C ALA A 152 -11.00 3.50 -5.89
N LEU A 153 -11.25 3.80 -4.62
CA LEU A 153 -10.44 4.76 -3.82
C LEU A 153 -9.02 4.21 -3.62
N ILE A 154 -8.89 2.92 -3.28
CA ILE A 154 -7.53 2.30 -3.14
C ILE A 154 -6.78 2.46 -4.47
N LEU A 155 -7.41 2.16 -5.60
CA LEU A 155 -6.74 2.32 -6.91
C LEU A 155 -6.36 3.79 -7.09
N ALA A 156 -7.24 4.73 -6.83
CA ALA A 156 -6.93 6.17 -6.98
C ALA A 156 -5.77 6.58 -6.06
N TYR A 157 -5.81 6.24 -4.77
CA TYR A 157 -4.77 6.66 -3.80
C TYR A 157 -3.43 6.04 -4.23
N CYS A 158 -3.39 4.80 -4.73
CA CYS A 158 -2.13 4.10 -5.04
C CYS A 158 -1.70 4.40 -6.48
N ASN A 159 -2.46 5.21 -7.19
CA ASN A 159 -2.10 5.60 -8.58
C ASN A 159 -2.08 4.35 -9.47
N LYS A 160 -3.02 3.44 -9.30
CA LYS A 160 -3.16 2.19 -10.10
C LYS A 160 -4.40 2.35 -10.98
N THR A 161 -4.41 1.64 -12.11
CA THR A 161 -5.53 1.51 -13.07
C THR A 161 -6.17 0.13 -12.92
N VAL A 162 -7.47 0.03 -13.14
CA VAL A 162 -8.14 -1.31 -13.17
C VAL A 162 -7.44 -2.19 -14.23
N GLY A 163 -7.00 -3.39 -13.86
CA GLY A 163 -6.40 -4.34 -14.81
C GLY A 163 -4.88 -4.34 -14.72
N GLU A 164 -4.30 -3.34 -14.06
CA GLU A 164 -2.84 -3.21 -13.86
C GLU A 164 -2.40 -4.20 -12.78
N LEU A 165 -1.26 -4.85 -12.98
CA LEU A 165 -0.75 -5.82 -11.99
C LEU A 165 -0.20 -5.05 -10.78
N GLY A 166 -0.21 -5.65 -9.57
CA GLY A 166 0.09 -4.86 -8.40
C GLY A 166 0.79 -5.64 -7.31
N ASP A 167 1.26 -4.86 -6.33
CA ASP A 167 2.09 -5.32 -5.19
C ASP A 167 1.33 -5.01 -3.90
N VAL A 168 0.98 -6.02 -3.11
CA VAL A 168 0.24 -5.82 -1.84
C VAL A 168 1.07 -4.93 -0.90
N ARG A 169 2.38 -5.18 -0.81
CA ARG A 169 3.28 -4.45 0.12
C ARG A 169 3.25 -2.95 -0.21
N GLU A 170 3.32 -2.63 -1.50
CA GLU A 170 3.27 -1.23 -1.99
C GLU A 170 1.89 -0.63 -1.73
N THR A 171 0.81 -1.40 -1.91
CA THR A 171 -0.59 -0.94 -1.71
C THR A 171 -0.76 -0.60 -0.22
N MET A 172 -0.36 -1.51 0.68
CA MET A 172 -0.48 -1.32 2.14
C MET A 172 0.29 -0.07 2.52
N SER A 173 1.50 0.08 1.98
CA SER A 173 2.39 1.20 2.33
C SER A 173 1.74 2.56 2.00
N TYR A 174 1.20 2.73 0.79
CA TYR A 174 0.50 3.98 0.40
C TYR A 174 -0.70 4.21 1.29
N LEU A 175 -1.52 3.19 1.51
CA LEU A 175 -2.72 3.34 2.38
C LEU A 175 -2.31 3.70 3.82
N PHE A 176 -1.20 3.16 4.32
CA PHE A 176 -0.71 3.50 5.69
C PHE A 176 -0.35 4.99 5.80
N GLN A 177 0.07 5.64 4.72
CA GLN A 177 0.32 7.12 4.72
C GLN A 177 -0.95 7.86 5.11
N HIS A 178 -2.12 7.26 4.86
CA HIS A 178 -3.44 7.87 5.11
C HIS A 178 -4.07 7.28 6.35
N ALA A 179 -3.27 6.65 7.20
CA ALA A 179 -3.80 6.11 8.45
C ALA A 179 -3.14 6.86 9.62
N ASN A 180 -3.81 6.90 10.74
CA ASN A 180 -3.25 7.53 11.94
C ASN A 180 -2.30 6.51 12.56
N LEU A 181 -1.04 6.52 12.15
CA LEU A 181 0.02 5.70 12.77
C LEU A 181 1.03 6.61 13.48
N ASP A 182 0.61 7.83 13.80
CA ASP A 182 1.47 8.89 14.38
C ASP A 182 2.22 8.37 15.60
N SER A 183 1.52 7.72 16.52
CA SER A 183 2.13 7.26 17.79
C SER A 183 2.81 5.88 17.63
N CYS A 184 2.82 5.25 16.44
CA CYS A 184 3.51 3.95 16.28
C CYS A 184 5.00 4.18 16.38
N LYS A 185 5.68 3.38 17.16
CA LYS A 185 7.12 3.62 17.40
C LYS A 185 7.87 2.30 17.33
N ARG A 186 9.07 2.34 16.75
CA ARG A 186 9.99 1.18 16.68
C ARG A 186 11.37 1.65 17.09
N VAL A 187 11.96 0.95 18.04
CA VAL A 187 13.38 1.15 18.44
C VAL A 187 14.16 -0.11 18.06
N LEU A 188 15.28 0.09 17.38
CA LEU A 188 16.20 -0.96 16.91
C LEU A 188 17.56 -0.70 17.49
N ASN A 189 18.30 -1.78 17.73
CA ASN A 189 19.71 -1.73 18.18
C ASN A 189 20.54 -2.57 17.19
N VAL A 190 21.69 -2.03 16.81
CA VAL A 190 22.72 -2.70 15.97
C VAL A 190 24.00 -2.74 16.78
N VAL A 191 24.51 -3.95 17.03
CA VAL A 191 25.66 -4.22 17.94
C VAL A 191 26.76 -4.82 17.09
N CYS A 192 27.86 -4.09 16.94
CA CYS A 192 29.13 -4.60 16.37
C CYS A 192 30.08 -4.81 17.55
N LYS A 193 30.72 -5.97 17.60
CA LYS A 193 31.67 -6.36 18.68
C LYS A 193 32.84 -5.38 18.72
N THR A 194 33.19 -4.77 17.57
CA THR A 194 34.28 -3.75 17.44
C THR A 194 33.73 -2.35 17.76
N CYS A 195 32.76 -1.86 16.97
CA CYS A 195 32.33 -0.45 16.93
C CYS A 195 31.44 -0.06 18.12
N GLY A 196 30.67 -1.00 18.66
CA GLY A 196 29.73 -0.73 19.76
C GLY A 196 28.30 -0.77 19.25
N GLN A 197 27.41 0.01 19.86
CA GLN A 197 25.95 -0.15 19.72
C GLN A 197 25.36 1.12 19.12
N GLN A 198 24.52 1.00 18.08
CA GLN A 198 23.82 2.15 17.49
C GLN A 198 22.31 1.90 17.60
N GLN A 199 21.57 2.81 18.26
CA GLN A 199 20.10 2.65 18.44
C GLN A 199 19.40 3.58 17.45
N THR A 200 18.33 3.13 16.80
CA THR A 200 17.53 3.93 15.86
C THR A 200 16.05 3.87 16.25
N THR A 201 15.37 5.00 16.16
CA THR A 201 13.92 5.12 16.43
C THR A 201 13.23 5.48 15.12
N LEU A 202 12.20 4.73 14.77
CA LEU A 202 11.35 4.99 13.60
C LEU A 202 9.94 5.24 14.10
N LYS A 203 9.22 6.08 13.37
CA LYS A 203 7.82 6.44 13.76
C LYS A 203 6.93 6.35 12.53
N GLY A 204 5.62 6.21 12.79
CA GLY A 204 4.58 6.12 11.75
C GLY A 204 4.76 4.87 10.91
N VAL A 205 4.67 5.05 9.61
CA VAL A 205 4.63 3.94 8.64
C VAL A 205 5.94 3.16 8.73
N GLU A 206 7.04 3.88 8.86
CA GLU A 206 8.37 3.25 8.95
C GLU A 206 8.46 2.34 10.19
N ALA A 207 7.60 2.52 11.19
CA ALA A 207 7.67 1.72 12.46
C ALA A 207 6.93 0.40 12.32
N VAL A 208 6.08 0.23 11.28
CA VAL A 208 5.24 -0.98 11.13
C VAL A 208 5.61 -1.83 9.91
N MET A 209 6.63 -1.48 9.14
CA MET A 209 7.03 -2.19 7.91
CA MET A 209 7.00 -2.25 7.94
C MET A 209 8.45 -2.72 8.05
N TYR A 210 8.74 -3.83 7.42
CA TYR A 210 10.10 -4.40 7.39
C TYR A 210 10.17 -5.25 6.16
N MET A 211 11.26 -5.10 5.40
CA MET A 211 11.51 -5.89 4.17
C MET A 211 12.80 -6.68 4.36
N GLY A 212 12.72 -8.00 4.42
CA GLY A 212 13.93 -8.83 4.57
C GLY A 212 13.66 -10.16 5.23
N THR A 213 12.71 -10.25 6.16
CA THR A 213 12.29 -11.50 6.82
C THR A 213 10.79 -11.43 7.09
N LEU A 214 10.14 -12.55 6.94
CA LEU A 214 8.71 -12.77 7.28
C LEU A 214 8.54 -13.00 8.79
N SER A 215 9.60 -13.40 9.52
CA SER A 215 9.51 -13.85 10.95
C SER A 215 9.68 -12.69 11.95
N TYR A 216 8.60 -12.37 12.65
CA TYR A 216 8.58 -11.39 13.75
C TYR A 216 9.50 -11.91 14.84
N GLU A 217 9.41 -13.20 15.15
CA GLU A 217 10.33 -13.82 16.15
C GLU A 217 11.80 -13.64 15.76
N GLN A 218 12.16 -13.77 14.48
CA GLN A 218 13.58 -13.65 14.08
C GLN A 218 14.03 -12.17 14.28
N PHE A 219 13.18 -11.21 13.96
CA PHE A 219 13.46 -9.76 14.15
C PHE A 219 13.74 -9.46 15.63
N LYS A 220 12.99 -10.08 16.54
CA LYS A 220 13.22 -9.92 18.01
C LYS A 220 14.54 -10.53 18.44
N LYS A 221 14.91 -11.66 17.87
CA LYS A 221 16.09 -12.46 18.29
C LYS A 221 17.37 -11.89 17.67
N GLY A 222 17.33 -11.31 16.48
CA GLY A 222 18.53 -10.73 15.86
C GLY A 222 18.68 -11.21 14.44
N VAL A 223 19.02 -10.30 13.53
CA VAL A 223 19.43 -10.60 12.14
C VAL A 223 20.85 -10.05 11.92
N GLN A 224 21.67 -10.82 11.21
CA GLN A 224 23.06 -10.42 10.87
C GLN A 224 22.96 -9.43 9.73
N ILE A 225 23.60 -8.26 9.88
CA ILE A 225 23.76 -7.26 8.80
C ILE A 225 25.22 -6.84 8.74
N PRO A 226 25.68 -6.39 7.56
CA PRO A 226 26.99 -5.76 7.43
C PRO A 226 27.09 -4.49 8.30
N CYS A 227 28.21 -4.33 9.02
CA CYS A 227 28.68 -3.05 9.65
C CYS A 227 29.69 -2.42 8.70
N THR A 228 29.74 -1.09 8.62
CA THR A 228 30.62 -0.35 7.69
C THR A 228 32.09 -0.63 8.02
N CYS A 229 32.39 -1.13 9.23
CA CYS A 229 33.77 -1.53 9.62
C CYS A 229 34.22 -2.76 8.81
N GLY A 230 33.31 -3.52 8.19
CA GLY A 230 33.65 -4.70 7.37
C GLY A 230 33.25 -6.01 8.04
N LYS A 231 32.89 -5.96 9.32
CA LYS A 231 32.36 -7.11 10.11
C LYS A 231 30.83 -7.21 9.96
N GLN A 232 30.28 -8.31 10.48
CA GLN A 232 28.83 -8.58 10.68
C GLN A 232 28.41 -8.03 12.04
N ALA A 233 27.29 -7.31 12.07
CA ALA A 233 26.67 -6.79 13.31
C ALA A 233 25.36 -7.54 13.50
N THR A 234 24.83 -7.51 14.71
CA THR A 234 23.47 -8.01 15.01
C THR A 234 22.51 -6.84 15.20
N LYS A 235 21.40 -6.89 14.47
CA LYS A 235 20.29 -5.92 14.58
CA LYS A 235 20.28 -5.93 14.57
C LYS A 235 19.10 -6.64 15.24
N TYR A 236 18.49 -5.99 16.22
CA TYR A 236 17.34 -6.59 16.91
C TYR A 236 16.34 -5.50 17.27
N LEU A 237 15.07 -5.89 17.35
CA LEU A 237 13.97 -5.05 17.86
C LEU A 237 14.12 -4.86 19.38
N VAL A 238 14.23 -3.62 19.83
CA VAL A 238 14.29 -3.20 21.27
C VAL A 238 12.85 -2.98 21.73
N GLN A 239 12.07 -2.28 20.91
CA GLN A 239 10.71 -1.87 21.33
C GLN A 239 9.84 -1.69 20.12
N GLN A 240 8.59 -2.13 20.25
CA GLN A 240 7.58 -1.96 19.18
C GLN A 240 6.31 -1.51 19.86
N GLU A 241 5.81 -0.37 19.45
CA GLU A 241 4.52 0.16 19.94
C GLU A 241 3.63 0.41 18.73
N SER A 242 2.75 -0.53 18.43
CA SER A 242 1.84 -0.45 17.24
C SER A 242 0.83 -1.55 17.37
N PRO A 243 -0.33 -1.42 16.71
CA PRO A 243 -1.37 -2.44 16.80
C PRO A 243 -1.13 -3.67 15.91
N PHE A 244 -0.20 -3.53 14.96
CA PHE A 244 0.23 -4.60 14.05
C PHE A 244 1.66 -4.30 13.59
N VAL A 245 2.28 -5.32 13.03
CA VAL A 245 3.51 -5.18 12.20
C VAL A 245 3.28 -5.99 10.92
N MET A 246 3.81 -5.48 9.84
CA MET A 246 3.90 -6.16 8.53
CA MET A 246 3.90 -6.15 8.52
C MET A 246 5.36 -6.57 8.30
N MET A 247 5.61 -7.87 8.19
CA MET A 247 6.97 -8.41 7.89
C MET A 247 6.96 -8.89 6.45
N SER A 248 7.84 -8.37 5.60
CA SER A 248 7.87 -8.73 4.16
C SER A 248 9.23 -9.29 3.79
N ALA A 249 9.25 -10.07 2.72
CA ALA A 249 10.48 -10.62 2.11
C ALA A 249 10.19 -10.99 0.67
N PRO A 250 11.19 -10.99 -0.25
CA PRO A 250 11.00 -11.57 -1.57
C PRO A 250 10.36 -12.95 -1.44
N PRO A 251 9.40 -13.31 -2.30
CA PRO A 251 8.60 -14.52 -2.10
C PRO A 251 9.49 -15.77 -2.01
N ALA A 252 9.20 -16.64 -1.04
CA ALA A 252 9.99 -17.86 -0.77
C ALA A 252 9.09 -18.87 -0.03
N GLN A 253 9.31 -20.14 -0.28
CA GLN A 253 8.60 -21.22 0.46
C GLN A 253 8.70 -20.96 1.95
N TYR A 254 7.58 -21.00 2.63
CA TYR A 254 7.47 -20.65 4.06
C TYR A 254 6.32 -21.43 4.68
N GLU A 255 6.51 -21.93 5.90
CA GLU A 255 5.46 -22.67 6.64
C GLU A 255 4.77 -21.68 7.56
N LEU A 256 3.44 -21.51 7.42
CA LEU A 256 2.62 -20.65 8.31
C LEU A 256 2.03 -21.56 9.39
N LYS A 257 2.32 -21.32 10.67
CA LYS A 257 1.85 -22.16 11.78
C LYS A 257 0.61 -21.53 12.41
N HIS A 258 -0.45 -22.31 12.59
CA HIS A 258 -1.72 -21.84 13.20
C HIS A 258 -1.46 -21.11 14.51
N GLY A 259 -2.09 -19.96 14.73
CA GLY A 259 -2.04 -19.19 15.99
C GLY A 259 -0.79 -18.31 16.14
N THR A 260 0.13 -18.28 15.17
CA THR A 260 1.45 -17.58 15.34
C THR A 260 1.50 -16.32 14.47
N PHE A 261 0.42 -15.97 13.78
CA PHE A 261 0.37 -14.78 12.92
C PHE A 261 -1.10 -14.43 12.70
N THR A 262 -1.38 -13.28 12.11
CA THR A 262 -2.76 -12.79 11.92
C THR A 262 -3.18 -13.26 10.54
N CYS A 263 -2.48 -12.78 9.49
CA CYS A 263 -2.77 -13.15 8.09
C CYS A 263 -1.51 -12.92 7.24
N ALA A 264 -1.52 -13.38 6.00
CA ALA A 264 -0.31 -13.41 5.16
C ALA A 264 -0.71 -13.36 3.69
N SER A 265 0.19 -12.88 2.85
CA SER A 265 0.11 -12.84 1.36
C SER A 265 0.97 -13.96 0.76
N GLU A 266 0.35 -14.84 -0.01
CA GLU A 266 1.02 -15.85 -0.85
C GLU A 266 1.08 -15.31 -2.28
N TYR A 267 2.27 -15.25 -2.86
CA TYR A 267 2.53 -14.85 -4.27
C TYR A 267 3.15 -16.03 -5.04
N THR A 268 2.38 -16.53 -5.97
CA THR A 268 2.76 -17.55 -6.98
C THR A 268 3.00 -16.88 -8.33
N GLY A 269 4.13 -17.18 -8.96
CA GLY A 269 4.47 -16.71 -10.32
C GLY A 269 5.87 -16.15 -10.31
N ASN A 270 6.14 -15.13 -11.11
CA ASN A 270 7.50 -14.55 -11.19
C ASN A 270 7.40 -13.03 -11.16
N TYR A 271 8.52 -12.35 -11.42
CA TYR A 271 8.57 -10.87 -11.33
C TYR A 271 7.86 -10.25 -12.55
N GLN A 272 7.44 -11.03 -13.55
CA GLN A 272 6.65 -10.46 -14.65
C GLN A 272 5.16 -10.62 -14.36
N CYS A 273 4.75 -11.72 -13.71
CA CYS A 273 3.32 -12.04 -13.55
C CYS A 273 3.14 -13.05 -12.40
N GLY A 274 2.18 -12.80 -11.53
CA GLY A 274 1.92 -13.62 -10.34
C GLY A 274 0.47 -13.56 -9.92
N HIS A 275 0.12 -14.30 -8.90
CA HIS A 275 -1.26 -14.36 -8.39
C HIS A 275 -1.14 -14.38 -6.86
N TYR A 276 -1.95 -13.57 -6.17
CA TYR A 276 -1.90 -13.55 -4.70
C TYR A 276 -3.05 -14.41 -4.17
N LYS A 277 -2.76 -15.08 -3.06
CA LYS A 277 -3.82 -15.65 -2.22
C LYS A 277 -3.57 -15.07 -0.83
N HIS A 278 -4.59 -15.16 0.00
CA HIS A 278 -4.58 -14.60 1.34
C HIS A 278 -4.68 -15.77 2.30
N ILE A 279 -3.80 -15.87 3.29
CA ILE A 279 -3.92 -16.94 4.31
C ILE A 279 -4.24 -16.25 5.66
N THR A 280 -5.24 -16.72 6.39
CA THR A 280 -5.56 -16.11 7.70
C THR A 280 -5.62 -17.24 8.74
N SER A 281 -5.26 -16.94 9.96
CA SER A 281 -5.29 -17.94 11.04
C SER A 281 -6.56 -17.69 11.85
N LYS A 282 -7.51 -18.63 11.84
CA LYS A 282 -8.77 -18.56 12.62
C LYS A 282 -8.80 -19.77 13.57
N GLU A 283 -9.86 -20.57 13.59
CA GLU A 283 -9.91 -21.85 14.36
C GLU A 283 -8.98 -22.84 13.66
N THR A 284 -8.75 -22.65 12.36
CA THR A 284 -7.73 -23.41 11.61
C THR A 284 -7.14 -22.46 10.56
N LEU A 285 -6.33 -22.95 9.63
CA LEU A 285 -5.77 -22.06 8.58
C LEU A 285 -6.74 -22.00 7.41
N TYR A 286 -7.00 -20.79 6.97
CA TYR A 286 -7.89 -20.53 5.83
C TYR A 286 -7.03 -19.97 4.69
N CYS A 287 -7.22 -20.46 3.49
CA CYS A 287 -6.61 -19.92 2.25
C CYS A 287 -7.77 -19.39 1.39
N ILE A 288 -7.82 -18.09 1.25
CA ILE A 288 -8.89 -17.38 0.48
C ILE A 288 -8.26 -16.98 -0.85
N ASP A 289 -8.91 -17.43 -1.89
CA ASP A 289 -8.50 -17.18 -3.29
C ASP A 289 -9.76 -16.62 -3.97
N GLY A 290 -9.94 -15.31 -3.86
CA GLY A 290 -11.12 -14.62 -4.41
C GLY A 290 -12.35 -15.10 -3.67
N ALA A 291 -13.23 -15.82 -4.34
CA ALA A 291 -14.48 -16.37 -3.76
C ALA A 291 -14.24 -17.73 -3.10
N LEU A 292 -13.10 -18.37 -3.35
CA LEU A 292 -12.87 -19.75 -2.85
C LEU A 292 -12.16 -19.76 -1.51
N LEU A 293 -12.60 -20.65 -0.63
CA LEU A 293 -12.07 -20.81 0.74
C LEU A 293 -11.62 -22.27 0.93
N THR A 294 -10.35 -22.50 1.30
CA THR A 294 -9.85 -23.84 1.63
C THR A 294 -9.35 -23.84 3.07
N LYS A 295 -9.84 -24.75 3.89
CA LYS A 295 -9.43 -24.88 5.31
C LYS A 295 -8.44 -26.04 5.42
N SER A 296 -7.31 -25.81 6.10
CA SER A 296 -6.25 -26.82 6.30
C SER A 296 -5.64 -26.66 7.71
N SER A 297 -5.08 -27.73 8.25
CA SER A 297 -4.43 -27.68 9.57
C SER A 297 -3.03 -27.08 9.43
N GLU A 298 -2.41 -27.24 8.26
CA GLU A 298 -1.03 -26.77 7.94
C GLU A 298 -1.07 -26.00 6.63
N TYR A 299 -0.10 -25.12 6.40
CA TYR A 299 0.03 -24.40 5.11
C TYR A 299 1.52 -24.07 4.87
N LYS A 300 1.96 -24.40 3.68
CA LYS A 300 3.30 -24.06 3.18
C LYS A 300 3.10 -23.50 1.77
N GLY A 301 3.78 -22.42 1.44
CA GLY A 301 3.68 -21.82 0.09
C GLY A 301 4.64 -20.65 -0.03
N PRO A 302 4.71 -20.02 -1.22
CA PRO A 302 5.54 -18.84 -1.42
C PRO A 302 4.91 -17.57 -0.81
N ILE A 303 5.29 -17.30 0.43
CA ILE A 303 4.78 -16.19 1.26
C ILE A 303 5.66 -14.97 1.02
N THR A 304 5.06 -13.78 0.99
CA THR A 304 5.81 -12.52 0.79
C THR A 304 5.46 -11.48 1.87
N ASP A 305 4.29 -11.53 2.51
CA ASP A 305 3.95 -10.61 3.64
C ASP A 305 3.32 -11.45 4.76
N VAL A 306 3.67 -11.17 6.00
CA VAL A 306 3.00 -11.74 7.20
C VAL A 306 2.69 -10.59 8.16
N PHE A 307 1.46 -10.49 8.59
CA PHE A 307 0.92 -9.49 9.53
C PHE A 307 0.77 -10.13 10.89
N TYR A 308 1.23 -9.45 11.91
CA TYR A 308 1.17 -9.93 13.31
C TYR A 308 0.48 -8.83 14.12
N LYS A 309 -0.25 -9.23 15.14
CA LYS A 309 -0.91 -8.26 16.02
C LYS A 309 0.10 -7.86 17.11
N GLU A 310 0.08 -6.62 17.55
CA GLU A 310 1.04 -6.13 18.56
C GLU A 310 0.27 -5.15 19.43
N ASN A 311 0.80 -4.81 20.58
CA ASN A 311 0.37 -3.59 21.30
C ASN A 311 1.63 -2.86 21.71
N SER A 312 2.40 -3.46 22.61
CA SER A 312 3.68 -2.90 23.08
C SER A 312 4.59 -4.07 23.40
N TYR A 313 5.77 -4.09 22.80
CA TYR A 313 6.77 -5.14 23.05
C TYR A 313 8.04 -4.44 23.49
N THR A 314 8.69 -4.95 24.52
CA THR A 314 10.01 -4.50 24.99
C THR A 314 10.89 -5.74 25.03
N THR A 315 12.08 -5.72 24.41
CA THR A 315 13.06 -6.84 24.44
C THR A 315 13.54 -7.14 25.87
N THR A 316 13.97 -8.37 26.15
CA THR A 316 14.71 -8.71 27.39
C THR A 316 16.23 -8.81 27.12
N ILE A 317 16.65 -8.73 25.84
CA ILE A 317 18.09 -8.62 25.44
C ILE A 317 18.70 -7.39 26.14
N LYS A 318 19.71 -7.65 26.98
CA LYS A 318 20.48 -6.61 27.70
C LYS A 318 21.54 -6.07 26.75
N MET B 1 31.72 9.08 -2.79
CA MET B 1 31.77 7.98 -1.79
C MET B 1 31.12 6.74 -2.40
N GLN B 2 31.54 5.56 -1.96
CA GLN B 2 31.05 4.28 -2.49
C GLN B 2 30.02 3.70 -1.51
N ILE B 3 28.96 3.15 -2.07
CA ILE B 3 28.00 2.26 -1.34
C ILE B 3 27.99 0.94 -2.09
N PHE B 4 27.50 -0.09 -1.42
CA PHE B 4 27.33 -1.44 -1.96
C PHE B 4 25.83 -1.70 -2.06
N VAL B 5 25.42 -2.46 -3.06
CA VAL B 5 24.00 -2.83 -3.32
C VAL B 5 23.96 -4.33 -3.60
N LYS B 6 23.31 -5.07 -2.70
CA LYS B 6 23.14 -6.54 -2.79
C LYS B 6 21.86 -6.83 -3.58
N THR B 7 21.99 -7.59 -4.67
CA THR B 7 20.90 -8.01 -5.57
C THR B 7 20.28 -9.32 -5.04
N LEU B 8 19.14 -9.73 -5.59
CA LEU B 8 18.37 -10.92 -5.17
C LEU B 8 19.18 -12.21 -5.39
N THR B 9 20.19 -12.19 -6.25
CA THR B 9 21.05 -13.37 -6.52
C THR B 9 22.20 -13.41 -5.53
N GLY B 10 22.49 -12.31 -4.82
CA GLY B 10 23.61 -12.21 -3.85
C GLY B 10 24.83 -11.55 -4.48
N LYS B 11 24.73 -11.21 -5.75
CA LYS B 11 25.67 -10.32 -6.49
C LYS B 11 25.75 -9.01 -5.71
N THR B 12 26.97 -8.52 -5.44
CA THR B 12 27.18 -7.18 -4.84
C THR B 12 27.70 -6.24 -5.93
N ILE B 13 27.13 -5.05 -5.98
CA ILE B 13 27.37 -3.96 -6.95
C ILE B 13 27.97 -2.80 -6.16
N THR B 14 29.05 -2.19 -6.67
CA THR B 14 29.61 -0.92 -6.14
C THR B 14 29.02 0.23 -6.96
N LEU B 15 28.60 1.30 -6.30
CA LEU B 15 28.19 2.56 -6.96
C LEU B 15 29.05 3.69 -6.40
N GLU B 16 29.30 4.72 -7.21
CA GLU B 16 29.83 6.02 -6.76
C GLU B 16 28.63 6.96 -6.55
N VAL B 17 28.55 7.58 -5.38
CA VAL B 17 27.37 8.38 -4.98
C VAL B 17 27.83 9.56 -4.12
N GLU B 18 26.91 10.49 -3.83
CA GLU B 18 27.12 11.67 -2.95
C GLU B 18 25.94 11.73 -1.96
N PRO B 19 26.16 12.17 -0.70
CA PRO B 19 25.09 12.15 0.32
C PRO B 19 23.76 12.83 -0.11
N SER B 20 23.82 13.79 -1.05
CA SER B 20 22.65 14.58 -1.53
C SER B 20 21.96 13.86 -2.70
N ASP B 21 22.53 12.75 -3.19
CA ASP B 21 21.88 11.92 -4.25
C ASP B 21 20.51 11.49 -3.73
N THR B 22 19.46 11.71 -4.52
CA THR B 22 18.12 11.16 -4.23
C THR B 22 18.17 9.63 -4.47
N ILE B 23 17.15 8.93 -4.01
CA ILE B 23 16.96 7.48 -4.25
C ILE B 23 16.87 7.26 -5.77
N GLU B 24 16.13 8.10 -6.51
CA GLU B 24 15.98 8.06 -8.00
C GLU B 24 17.33 8.13 -8.72
N ASN B 25 18.24 9.00 -8.22
CA ASN B 25 19.65 9.11 -8.66
C ASN B 25 20.33 7.75 -8.53
N VAL B 26 20.23 7.09 -7.36
CA VAL B 26 20.87 5.75 -7.08
C VAL B 26 20.28 4.69 -8.03
N LYS B 27 18.98 4.75 -8.29
CA LYS B 27 18.25 3.83 -9.21
C LYS B 27 18.79 3.99 -10.66
N ALA B 28 19.05 5.21 -11.13
CA ALA B 28 19.67 5.48 -12.45
C ALA B 28 21.07 4.83 -12.52
N LYS B 29 21.88 4.99 -11.46
CA LYS B 29 23.26 4.43 -11.36
C LYS B 29 23.19 2.90 -11.43
N ILE B 30 22.14 2.29 -10.86
CA ILE B 30 21.92 0.83 -10.96
C ILE B 30 21.39 0.51 -12.36
N GLN B 31 20.52 1.32 -12.95
CA GLN B 31 20.04 1.09 -14.34
C GLN B 31 21.26 1.10 -15.27
N ASP B 32 22.21 2.00 -15.02
CA ASP B 32 23.44 2.17 -15.83
C ASP B 32 24.26 0.87 -15.76
N LYS B 33 24.40 0.26 -14.58
CA LYS B 33 25.36 -0.84 -14.30
C LYS B 33 24.72 -2.23 -14.53
N GLU B 34 23.40 -2.37 -14.42
CA GLU B 34 22.69 -3.68 -14.51
C GLU B 34 21.54 -3.64 -15.52
N GLY B 35 21.12 -2.46 -15.99
CA GLY B 35 20.07 -2.32 -17.01
C GLY B 35 18.66 -2.60 -16.49
N ILE B 36 18.45 -2.57 -15.18
CA ILE B 36 17.11 -2.73 -14.57
C ILE B 36 16.40 -1.38 -14.59
N PRO B 37 15.18 -1.30 -15.16
CA PRO B 37 14.44 -0.04 -15.20
C PRO B 37 14.14 0.44 -13.78
N PRO B 38 14.31 1.76 -13.51
CA PRO B 38 14.14 2.31 -12.18
C PRO B 38 12.76 1.97 -11.60
N ASP B 39 11.71 1.94 -12.44
CA ASP B 39 10.32 1.64 -11.98
C ASP B 39 10.21 0.24 -11.35
N GLN B 40 11.13 -0.70 -11.65
CA GLN B 40 11.04 -2.09 -11.12
C GLN B 40 11.76 -2.18 -9.79
N GLN B 41 12.63 -1.22 -9.50
CA GLN B 41 13.62 -1.27 -8.39
C GLN B 41 12.98 -0.84 -7.06
N ARG B 42 13.31 -1.53 -5.99
CA ARG B 42 12.96 -1.04 -4.64
C ARG B 42 14.23 -1.14 -3.81
N LEU B 43 14.68 -0.04 -3.25
CA LEU B 43 15.91 0.02 -2.45
C LEU B 43 15.55 -0.06 -0.96
N ILE B 44 16.25 -0.94 -0.27
CA ILE B 44 16.04 -1.24 1.18
C ILE B 44 17.36 -0.93 1.92
N PHE B 45 17.27 -0.24 3.05
CA PHE B 45 18.44 -0.04 3.95
C PHE B 45 18.12 -0.73 5.29
N ALA B 46 18.77 -1.85 5.55
CA ALA B 46 18.66 -2.63 6.80
C ALA B 46 17.15 -2.79 7.13
N GLY B 47 16.35 -3.19 6.16
CA GLY B 47 14.92 -3.50 6.36
C GLY B 47 13.98 -2.34 6.03
N LYS B 48 14.50 -1.11 5.97
CA LYS B 48 13.67 0.12 5.76
C LYS B 48 13.62 0.44 4.25
N GLN B 49 12.41 0.57 3.73
CA GLN B 49 12.15 0.96 2.31
C GLN B 49 12.59 2.42 2.10
N LEU B 50 13.48 2.67 1.17
CA LEU B 50 13.92 4.03 0.82
C LEU B 50 12.93 4.58 -0.21
N GLU B 51 12.44 5.80 -0.04
CA GLU B 51 11.34 6.41 -0.87
C GLU B 51 11.95 7.44 -1.81
N ASP B 52 11.34 7.59 -2.98
CA ASP B 52 11.79 8.55 -4.02
C ASP B 52 11.69 9.98 -3.48
N GLY B 53 12.69 10.80 -3.80
CA GLY B 53 12.70 12.24 -3.50
C GLY B 53 13.18 12.51 -2.08
N ARG B 54 13.70 11.48 -1.38
CA ARG B 54 14.54 11.64 -0.18
C ARG B 54 15.98 11.34 -0.59
N THR B 55 16.95 11.80 0.19
CA THR B 55 18.39 11.66 -0.12
C THR B 55 19.01 10.58 0.74
N LEU B 56 20.22 10.16 0.39
CA LEU B 56 21.04 9.25 1.23
C LEU B 56 21.30 9.89 2.60
N SER B 57 21.58 11.21 2.65
CA SER B 57 21.78 11.98 3.91
C SER B 57 20.52 11.87 4.78
N ASP B 58 19.32 12.06 4.19
CA ASP B 58 18.02 11.93 4.90
C ASP B 58 17.97 10.59 5.66
N TYR B 59 18.50 9.51 5.09
CA TYR B 59 18.40 8.16 5.70
C TYR B 59 19.67 7.85 6.50
N ASN B 60 20.57 8.83 6.61
CA ASN B 60 21.89 8.67 7.27
C ASN B 60 22.64 7.48 6.64
N ILE B 61 22.57 7.31 5.33
CA ILE B 61 23.36 6.27 4.60
C ILE B 61 24.77 6.84 4.40
N GLN B 62 25.78 6.18 4.94
CA GLN B 62 27.19 6.66 4.88
C GLN B 62 28.02 5.73 4.00
N LYS B 63 29.25 6.15 3.71
CA LYS B 63 30.18 5.42 2.83
C LYS B 63 30.32 3.97 3.32
N GLU B 64 30.47 3.02 2.39
CA GLU B 64 30.66 1.57 2.71
C GLU B 64 29.35 0.96 3.24
N SER B 65 28.24 1.71 3.29
CA SER B 65 26.87 1.21 3.63
C SER B 65 26.44 0.22 2.55
N THR B 66 25.65 -0.79 2.91
CA THR B 66 25.08 -1.79 1.96
C THR B 66 23.57 -1.60 1.87
N LEU B 67 23.03 -1.40 0.66
CA LEU B 67 21.58 -1.38 0.37
C LEU B 67 21.20 -2.76 -0.15
N HIS B 68 19.92 -3.12 -0.11
CA HIS B 68 19.37 -4.29 -0.82
C HIS B 68 18.46 -3.81 -1.94
N LEU B 69 18.62 -4.41 -3.12
CA LEU B 69 17.74 -4.14 -4.29
C LEU B 69 16.77 -5.30 -4.41
N VAL B 70 15.49 -5.02 -4.21
CA VAL B 70 14.42 -5.99 -4.47
C VAL B 70 13.59 -5.43 -5.63
N LEU B 71 12.66 -6.21 -6.16
CA LEU B 71 11.85 -5.82 -7.35
C LEU B 71 10.37 -5.82 -6.96
N ARG B 72 9.57 -4.93 -7.56
CA ARG B 72 8.11 -4.88 -7.30
C ARG B 72 7.46 -6.20 -7.77
N LEU B 73 6.45 -6.71 -7.06
CA LEU B 73 5.65 -7.87 -7.49
C LEU B 73 4.60 -7.39 -8.49
N ARG B 74 4.08 -8.32 -9.26
CA ARG B 74 3.16 -8.12 -10.39
C ARG B 74 1.99 -9.10 -10.24
N GLY B 75 1.18 -8.90 -9.21
CA GLY B 75 0.06 -9.78 -8.87
C GLY B 75 -1.14 -9.43 -9.69
N GLY B 76 -1.79 -10.44 -10.23
CA GLY B 76 -3.07 -10.32 -10.97
C GLY B 76 -3.92 -11.57 -10.86
C GLY B 76 -3.99 -11.44 -10.57
ZN ZN C . 31.65 -2.46 13.18
CL CL D . -11.19 3.85 9.41
CL CL E . -19.35 18.62 -2.24
C1 EDO F . -6.64 -13.14 -3.46
O1 EDO F . -6.75 -14.27 -4.36
C2 EDO F . -7.32 -13.37 -2.15
O2 EDO F . -8.72 -13.46 -2.32
C1 EDO G . 18.18 -8.06 -9.31
O1 EDO G . 18.45 -9.42 -9.02
C2 EDO G . 17.45 -7.41 -8.18
O2 EDO G . 18.18 -7.42 -6.97
#